data_4YKL
#
_entry.id   4YKL
#
_cell.length_a   119.083
_cell.length_b   119.083
_cell.length_c   36.564
_cell.angle_alpha   90.00
_cell.angle_beta   90.00
_cell.angle_gamma   120.00
#
_symmetry.space_group_name_H-M   'P 3 2 1'
#
loop_
_entity.id
_entity.type
_entity.pdbx_description
1 polymer 'Aprataxin-like protein'
2 polymer "DNA (5'-D(*GP*AP*AP*TP*CP*AP*TP*AP*AP*C)-3')"
3 non-polymer 'ZINC ION'
4 non-polymer GUANOSINE
5 non-polymer GLYCEROL
6 non-polymer 'CHLORIDE ION'
7 water water
#
loop_
_entity_poly.entity_id
_entity_poly.type
_entity_poly.pdbx_seq_one_letter_code
_entity_poly.pdbx_strand_id
1 'polypeptide(L)'
;SFRDNLKVYIESPESYKNVIYYDDDVVLVRDMFPKSKMHLLLMTRDPHLTHVHPLEIMMKHRSLVEKLVSYVQGDLSGLI
FDEARNCLSQQLTNEALCNYIKVGFHAGPSMNNLHLHIMTLDHVSPSLKNSAHYISFTSPFFVKIDTPTSNLPTRGTLTS
LFQEDLKCWRCGETFGRHFTKLKAHLQEEYDDWLDKSVSM
;
B
2 'polydeoxyribonucleotide' (DG)(DA)(DA)(DT)(DC)(DA)(DT)(DA)(DA)(DC) A
#
loop_
_chem_comp.id
_chem_comp.type
_chem_comp.name
_chem_comp.formula
CL non-polymer 'CHLORIDE ION' 'Cl -1'
DA DNA linking 2'-DEOXYADENOSINE-5'-MONOPHOSPHATE 'C10 H14 N5 O6 P'
DC DNA linking 2'-DEOXYCYTIDINE-5'-MONOPHOSPHATE 'C9 H14 N3 O7 P'
DG DNA linking 2'-DEOXYGUANOSINE-5'-MONOPHOSPHATE 'C10 H14 N5 O7 P'
DT DNA linking THYMIDINE-5'-MONOPHOSPHATE 'C10 H15 N2 O8 P'
GMP non-polymer GUANOSINE 'C10 H13 N5 O5'
GOL non-polymer GLYCEROL 'C3 H8 O3'
ZN non-polymer 'ZINC ION' 'Zn 2'
#
# COMPACT_ATOMS: atom_id res chain seq x y z
N SER A 1 -12.50 -12.60 -14.58
CA SER A 1 -11.22 -13.25 -14.32
C SER A 1 -10.66 -12.81 -12.98
N PHE A 2 -9.45 -13.25 -12.67
CA PHE A 2 -8.82 -12.91 -11.40
C PHE A 2 -8.62 -11.41 -11.26
N ARG A 3 -8.53 -10.71 -12.39
CA ARG A 3 -8.31 -9.26 -12.39
C ARG A 3 -9.53 -8.49 -11.88
N ASP A 4 -10.65 -9.18 -11.74
CA ASP A 4 -11.88 -8.53 -11.28
C ASP A 4 -12.21 -8.84 -9.84
N ASN A 5 -11.31 -9.53 -9.14
CA ASN A 5 -11.62 -9.99 -7.78
C ASN A 5 -11.94 -8.89 -6.79
N LEU A 6 -11.47 -7.67 -7.03
CA LEU A 6 -11.71 -6.59 -6.06
C LEU A 6 -13.08 -5.96 -6.23
N LYS A 7 -13.75 -6.28 -7.34
CA LYS A 7 -15.04 -5.69 -7.65
C LYS A 7 -16.03 -5.83 -6.50
N VAL A 8 -16.07 -7.02 -5.89
CA VAL A 8 -17.04 -7.27 -4.82
C VAL A 8 -17.01 -6.24 -3.68
N TYR A 9 -15.84 -5.69 -3.38
CA TYR A 9 -15.71 -4.78 -2.25
C TYR A 9 -16.38 -3.44 -2.49
N ILE A 10 -16.46 -3.00 -3.74
CA ILE A 10 -17.11 -1.70 -3.98
C ILE A 10 -18.58 -1.88 -4.34
N GLU A 11 -19.00 -3.10 -4.63
CA GLU A 11 -20.41 -3.38 -4.90
C GLU A 11 -21.16 -3.78 -3.63
N SER A 12 -20.54 -4.64 -2.82
CA SER A 12 -21.15 -5.08 -1.59
C SER A 12 -20.23 -5.00 -0.38
N PRO A 13 -19.76 -3.79 -0.03
CA PRO A 13 -18.87 -3.65 1.13
C PRO A 13 -19.52 -4.02 2.46
N GLU A 14 -20.84 -3.88 2.53
CA GLU A 14 -21.57 -4.06 3.78
C GLU A 14 -21.44 -5.47 4.34
N SER A 15 -21.19 -6.46 3.47
CA SER A 15 -21.16 -7.84 3.91
C SER A 15 -19.77 -8.42 4.19
N TYR A 16 -18.71 -7.69 3.86
CA TYR A 16 -17.35 -8.22 4.04
C TYR A 16 -16.77 -7.84 5.39
N LYS A 17 -16.37 -8.83 6.16
CA LYS A 17 -15.83 -8.58 7.50
C LYS A 17 -14.42 -8.00 7.43
N ASN A 18 -13.78 -8.03 6.26
CA ASN A 18 -12.45 -7.43 6.11
C ASN A 18 -12.54 -5.96 5.71
N VAL A 19 -13.76 -5.47 5.51
CA VAL A 19 -13.97 -4.06 5.19
C VAL A 19 -13.97 -3.24 6.49
N ILE A 20 -13.14 -2.21 6.53
CA ILE A 20 -12.98 -1.40 7.74
C ILE A 20 -13.93 -0.22 7.71
N TYR A 21 -14.20 0.28 6.51
CA TYR A 21 -15.02 1.46 6.34
C TYR A 21 -15.57 1.50 4.92
N TYR A 22 -16.79 1.99 4.77
CA TYR A 22 -17.34 2.32 3.46
C TYR A 22 -18.36 3.45 3.56
N ASP A 23 -18.47 4.25 2.51
CA ASP A 23 -19.59 5.16 2.31
C ASP A 23 -19.98 5.12 0.83
N ASP A 24 -20.68 6.14 0.34
CA ASP A 24 -21.05 6.18 -1.07
C ASP A 24 -19.82 6.22 -1.99
N ASP A 25 -18.74 6.84 -1.55
CA ASP A 25 -17.62 7.15 -2.44
C ASP A 25 -16.43 6.17 -2.40
N VAL A 26 -16.15 5.61 -1.23
CA VAL A 26 -14.95 4.79 -1.07
C VAL A 26 -15.16 3.58 -0.19
N VAL A 27 -14.22 2.64 -0.27
CA VAL A 27 -14.19 1.46 0.57
C VAL A 27 -12.77 1.22 1.02
N LEU A 28 -12.59 1.00 2.33
CA LEU A 28 -11.30 0.72 2.91
C LEU A 28 -11.33 -0.70 3.42
N VAL A 29 -10.45 -1.54 2.88
CA VAL A 29 -10.50 -2.97 3.09
C VAL A 29 -9.09 -3.53 3.37
N ARG A 30 -8.98 -4.54 4.23
CA ARG A 30 -7.73 -5.25 4.45
C ARG A 30 -7.36 -6.03 3.20
N ASP A 31 -6.12 -5.92 2.76
CA ASP A 31 -5.63 -6.76 1.67
C ASP A 31 -5.70 -8.23 2.08
N MET A 32 -6.09 -9.11 1.18
CA MET A 32 -6.13 -10.53 1.53
C MET A 32 -4.73 -11.13 1.63
N PHE A 33 -3.78 -10.51 0.94
CA PHE A 33 -2.40 -11.01 0.94
C PHE A 33 -1.44 -9.89 1.32
N PRO A 34 -1.54 -9.43 2.58
CA PRO A 34 -0.82 -8.20 3.00
C PRO A 34 0.70 -8.33 2.80
N LYS A 35 1.31 -7.32 2.21
CA LYS A 35 2.75 -7.37 1.93
C LYS A 35 3.56 -6.65 3.00
N SER A 36 2.86 -6.16 4.02
CA SER A 36 3.49 -5.58 5.21
C SER A 36 2.64 -5.98 6.42
N LYS A 37 3.09 -5.68 7.64
CA LYS A 37 2.31 -6.00 8.84
C LYS A 37 0.91 -5.41 8.76
N MET A 38 0.83 -4.17 8.27
CA MET A 38 -0.44 -3.56 7.96
C MET A 38 -0.50 -3.25 6.48
N HIS A 39 -1.57 -3.64 5.83
CA HIS A 39 -1.72 -3.41 4.40
C HIS A 39 -3.19 -3.28 4.07
N LEU A 40 -3.61 -2.07 3.75
CA LEU A 40 -4.99 -1.76 3.44
C LEU A 40 -5.13 -1.27 2.01
N LEU A 41 -6.33 -1.39 1.45
CA LEU A 41 -6.67 -0.82 0.16
C LEU A 41 -7.81 0.19 0.33
N LEU A 42 -7.69 1.31 -0.37
CA LEU A 42 -8.75 2.32 -0.42
C LEU A 42 -9.21 2.38 -1.87
N MET A 43 -10.46 2.00 -2.09
CA MET A 43 -10.98 1.87 -3.43
C MET A 43 -12.11 2.86 -3.68
N THR A 44 -12.04 3.56 -4.80
CA THR A 44 -13.15 4.38 -5.23
C THR A 44 -14.33 3.49 -5.64
N ARG A 45 -15.54 3.92 -5.29
CA ARG A 45 -16.75 3.23 -5.72
C ARG A 45 -17.31 3.81 -7.02
N ASP A 46 -16.71 4.88 -7.51
CA ASP A 46 -17.17 5.52 -8.75
C ASP A 46 -16.99 4.58 -9.94
N PRO A 47 -18.09 4.21 -10.60
CA PRO A 47 -18.05 3.28 -11.74
C PRO A 47 -17.27 3.81 -12.95
N HIS A 48 -17.11 5.14 -13.04
CA HIS A 48 -16.45 5.74 -14.19
C HIS A 48 -14.95 5.98 -13.96
N LEU A 49 -14.46 5.66 -12.77
CA LEU A 49 -13.05 5.90 -12.43
C LEU A 49 -12.35 4.64 -11.95
N THR A 50 -13.13 3.66 -11.51
CA THR A 50 -12.57 2.44 -10.94
C THR A 50 -11.77 1.67 -11.98
N HIS A 51 -12.09 1.89 -13.26
CA HIS A 51 -11.42 1.20 -14.36
C HIS A 51 -10.43 2.11 -15.07
N VAL A 52 -10.27 3.32 -14.56
CA VAL A 52 -9.24 4.20 -15.10
C VAL A 52 -7.89 3.77 -14.53
N HIS A 53 -6.89 3.63 -15.39
CA HIS A 53 -5.54 3.28 -14.96
C HIS A 53 -4.98 4.34 -14.00
N PRO A 54 -4.33 3.89 -12.91
CA PRO A 54 -3.84 4.83 -11.89
C PRO A 54 -2.87 5.92 -12.41
N LEU A 55 -2.11 5.68 -13.46
CA LEU A 55 -1.32 6.78 -14.02
C LEU A 55 -2.23 7.83 -14.69
N GLU A 56 -3.31 7.39 -15.35
CA GLU A 56 -4.24 8.36 -15.91
C GLU A 56 -4.97 9.12 -14.80
N ILE A 57 -5.30 8.42 -13.72
CA ILE A 57 -5.87 9.05 -12.54
C ILE A 57 -4.97 10.19 -12.04
N MET A 58 -3.67 9.92 -11.91
CA MET A 58 -2.72 10.90 -11.42
C MET A 58 -2.58 12.07 -12.40
N MET A 59 -2.62 11.76 -13.68
CA MET A 59 -2.44 12.77 -14.71
C MET A 59 -3.68 13.62 -14.90
N LYS A 60 -4.85 12.98 -14.90
CA LYS A 60 -6.06 13.65 -15.34
C LYS A 60 -7.18 13.75 -14.30
N HIS A 61 -7.04 13.09 -13.15
CA HIS A 61 -8.14 13.12 -12.19
C HIS A 61 -7.72 13.55 -10.81
N ARG A 62 -7.19 14.78 -10.77
CA ARG A 62 -6.64 15.35 -9.55
C ARG A 62 -7.65 15.39 -8.42
N SER A 63 -8.91 15.68 -8.74
CA SER A 63 -9.96 15.71 -7.74
C SER A 63 -10.14 14.36 -7.00
N LEU A 64 -9.98 13.25 -7.70
CA LEU A 64 -10.08 11.95 -7.03
C LEU A 64 -8.88 11.72 -6.10
N VAL A 65 -7.68 11.93 -6.64
CA VAL A 65 -6.45 11.82 -5.88
C VAL A 65 -6.57 12.57 -4.56
N GLU A 66 -7.05 13.80 -4.66
CA GLU A 66 -7.14 14.69 -3.53
C GLU A 66 -8.24 14.26 -2.54
N LYS A 67 -9.31 13.67 -3.08
CA LYS A 67 -10.34 13.09 -2.24
C LYS A 67 -9.77 11.88 -1.47
N LEU A 68 -9.03 11.02 -2.17
CA LEU A 68 -8.42 9.85 -1.54
C LEU A 68 -7.49 10.27 -0.39
N VAL A 69 -6.60 11.20 -0.69
CA VAL A 69 -5.65 11.74 0.29
C VAL A 69 -6.39 12.35 1.49
N SER A 70 -7.47 13.06 1.23
CA SER A 70 -8.26 13.64 2.30
C SER A 70 -8.86 12.60 3.26
N TYR A 71 -9.35 11.48 2.72
CA TYR A 71 -9.81 10.39 3.56
C TYR A 71 -8.69 9.81 4.46
N VAL A 72 -7.55 9.51 3.85
CA VAL A 72 -6.40 8.96 4.55
C VAL A 72 -5.85 9.88 5.66
N GLN A 73 -5.71 11.17 5.36
CA GLN A 73 -5.15 12.12 6.31
C GLN A 73 -6.19 12.60 7.31
N GLY A 74 -7.45 12.48 6.95
CA GLY A 74 -8.53 13.05 7.75
C GLY A 74 -9.40 12.01 8.42
N ASP A 75 -10.60 11.82 7.87
CA ASP A 75 -11.67 11.04 8.49
C ASP A 75 -11.31 9.57 8.78
N LEU A 76 -10.33 9.02 8.06
CA LEU A 76 -9.97 7.61 8.25
C LEU A 76 -8.65 7.43 9.00
N SER A 77 -7.98 8.53 9.34
CA SER A 77 -6.69 8.43 10.01
CA SER A 77 -6.70 8.44 10.01
C SER A 77 -6.80 7.65 11.31
N GLY A 78 -7.90 7.83 12.02
CA GLY A 78 -8.13 7.13 13.28
C GLY A 78 -8.17 5.63 13.06
N LEU A 79 -8.97 5.19 12.11
CA LEU A 79 -9.10 3.78 11.79
C LEU A 79 -7.75 3.20 11.38
N ILE A 80 -7.01 3.96 10.59
CA ILE A 80 -5.76 3.50 10.00
C ILE A 80 -4.68 3.34 11.07
N PHE A 81 -4.55 4.35 11.94
CA PHE A 81 -3.61 4.26 13.05
C PHE A 81 -3.97 3.12 14.01
N ASP A 82 -5.26 2.98 14.34
CA ASP A 82 -5.71 1.87 15.21
C ASP A 82 -5.43 0.48 14.60
N GLU A 83 -5.70 0.35 13.30
CA GLU A 83 -5.35 -0.87 12.58
C GLU A 83 -3.84 -1.15 12.62
N ALA A 84 -3.02 -0.12 12.41
CA ALA A 84 -1.57 -0.29 12.50
C ALA A 84 -1.18 -0.73 13.90
N ARG A 85 -1.83 -0.15 14.92
CA ARG A 85 -1.60 -0.57 16.29
C ARG A 85 -2.01 -2.03 16.52
N ASN A 86 -3.08 -2.46 15.87
CA ASN A 86 -3.52 -3.85 16.00
C ASN A 86 -2.55 -4.80 15.32
N CYS A 87 -1.91 -4.33 14.25
CA CYS A 87 -1.01 -5.16 13.44
C CYS A 87 0.46 -5.13 13.88
N LEU A 88 0.90 -4.04 14.49
CA LEU A 88 2.31 -3.95 14.86
C LEU A 88 2.51 -4.05 16.36
N SER A 89 2.08 -3.04 17.09
CA SER A 89 2.19 -3.02 18.53
C SER A 89 1.21 -2.04 19.11
N GLN A 90 0.56 -2.46 20.18
CA GLN A 90 -0.55 -1.73 20.75
C GLN A 90 -0.11 -0.38 21.36
N GLN A 91 1.17 -0.24 21.69
CA GLN A 91 1.61 1.01 22.33
C GLN A 91 2.38 1.95 21.39
N LEU A 92 2.07 1.91 20.10
CA LEU A 92 2.64 2.89 19.17
C LEU A 92 1.74 4.14 19.07
N THR A 93 2.33 5.32 19.20
CA THR A 93 1.59 6.56 19.03
C THR A 93 1.37 6.85 17.56
N ASN A 94 0.41 7.73 17.26
CA ASN A 94 0.18 8.16 15.88
C ASN A 94 1.41 8.82 15.26
N GLU A 95 2.13 9.60 16.07
CA GLU A 95 3.33 10.26 15.61
C GLU A 95 4.39 9.22 15.22
N ALA A 96 4.57 8.22 16.08
CA ALA A 96 5.48 7.12 15.76
C ALA A 96 5.11 6.45 14.44
N LEU A 97 3.82 6.37 14.16
CA LEU A 97 3.32 5.61 13.01
C LEU A 97 3.22 6.42 11.71
N CYS A 98 3.03 7.73 11.84
CA CYS A 98 2.80 8.60 10.70
C CYS A 98 3.93 8.54 9.66
N ASN A 99 5.15 8.35 10.12
CA ASN A 99 6.27 8.19 9.19
C ASN A 99 6.62 6.73 8.86
N TYR A 100 5.83 5.79 9.34
CA TYR A 100 6.08 4.39 9.03
C TYR A 100 4.94 3.81 8.15
N ILE A 101 4.23 4.71 7.47
CA ILE A 101 3.14 4.33 6.58
C ILE A 101 3.36 4.96 5.22
N LYS A 102 3.22 4.21 4.14
CA LYS A 102 3.29 4.79 2.81
C LYS A 102 1.98 4.57 2.05
N VAL A 103 1.70 5.47 1.10
CA VAL A 103 0.42 5.47 0.40
C VAL A 103 0.67 5.60 -1.09
N GLY A 104 0.14 4.68 -1.89
CA GLY A 104 0.42 4.76 -3.31
C GLY A 104 -0.27 3.75 -4.20
N PHE A 105 -0.14 3.95 -5.52
CA PHE A 105 -0.69 3.08 -6.54
C PHE A 105 0.40 2.20 -7.11
N HIS A 106 0.06 1.01 -7.58
CA HIS A 106 0.98 0.30 -8.45
C HIS A 106 0.94 0.94 -9.84
N ALA A 107 2.09 1.03 -10.50
CA ALA A 107 2.15 1.60 -11.86
C ALA A 107 1.58 0.62 -12.88
N GLY A 108 1.69 -0.68 -12.60
CA GLY A 108 1.05 -1.70 -13.42
C GLY A 108 0.28 -2.70 -12.57
N PRO A 109 -0.93 -2.31 -12.13
CA PRO A 109 -1.74 -3.13 -11.21
C PRO A 109 -2.25 -4.40 -11.86
N SER A 110 -2.22 -5.52 -11.16
CA SER A 110 -2.81 -6.74 -11.69
C SER A 110 -4.33 -6.74 -11.63
N MET A 111 -4.92 -5.98 -10.72
CA MET A 111 -6.38 -5.91 -10.60
C MET A 111 -6.93 -4.68 -11.31
N ASN A 112 -8.09 -4.84 -11.95
CA ASN A 112 -8.72 -3.81 -12.78
C ASN A 112 -9.32 -2.63 -12.02
N ASN A 113 -9.78 -2.88 -10.79
CA ASN A 113 -10.45 -1.87 -10.00
C ASN A 113 -9.46 -1.01 -9.20
N LEU A 114 -9.52 0.29 -9.43
CA LEU A 114 -8.58 1.24 -8.83
C LEU A 114 -8.44 1.05 -7.32
N HIS A 115 -7.23 0.76 -6.88
CA HIS A 115 -6.99 0.59 -5.45
C HIS A 115 -5.69 1.24 -5.02
N LEU A 116 -5.84 2.03 -3.97
CA LEU A 116 -4.75 2.75 -3.37
C LEU A 116 -4.22 1.94 -2.19
N HIS A 117 -2.92 1.72 -2.15
CA HIS A 117 -2.30 0.96 -1.04
C HIS A 117 -1.99 1.88 0.13
N ILE A 118 -2.30 1.43 1.33
CA ILE A 118 -1.96 2.11 2.57
C ILE A 118 -1.35 1.04 3.47
N MET A 119 -0.04 1.12 3.70
CA MET A 119 0.66 -0.01 4.31
C MET A 119 1.84 0.47 5.12
N THR A 120 2.26 -0.32 6.09
CA THR A 120 3.43 0.05 6.86
C THR A 120 4.66 -0.24 6.01
N LEU A 121 5.80 0.31 6.40
CA LEU A 121 7.02 0.24 5.59
C LEU A 121 7.77 -1.07 5.72
N ASP A 122 7.49 -1.83 6.77
CA ASP A 122 8.34 -2.95 7.19
C ASP A 122 8.54 -4.05 6.13
N HIS A 123 7.48 -4.37 5.39
CA HIS A 123 7.46 -5.52 4.47
C HIS A 123 7.85 -6.82 5.16
N VAL A 124 7.42 -6.95 6.42
CA VAL A 124 7.55 -8.17 7.16
C VAL A 124 6.20 -8.89 7.14
N SER A 125 6.11 -9.99 6.38
CA SER A 125 4.84 -10.67 6.16
C SER A 125 5.03 -12.00 5.45
N PRO A 126 4.30 -13.03 5.91
CA PRO A 126 4.31 -14.35 5.26
C PRO A 126 3.80 -14.28 3.82
N SER A 127 2.98 -13.29 3.49
CA SER A 127 2.43 -13.18 2.13
C SER A 127 3.41 -12.51 1.16
N LEU A 128 4.52 -11.97 1.68
CA LEU A 128 5.59 -11.48 0.82
C LEU A 128 6.49 -12.65 0.46
N LYS A 129 6.31 -13.22 -0.72
CA LYS A 129 6.87 -14.52 -1.07
C LYS A 129 7.88 -14.50 -2.21
N ASN A 130 8.02 -13.39 -2.92
CA ASN A 130 9.06 -13.32 -3.95
C ASN A 130 9.57 -11.90 -4.19
N SER A 131 10.65 -11.81 -4.94
CA SER A 131 11.31 -10.54 -5.19
C SER A 131 10.37 -9.53 -5.87
N ALA A 132 9.56 -10.00 -6.83
CA ALA A 132 8.64 -9.12 -7.54
C ALA A 132 7.66 -8.43 -6.57
N HIS A 133 7.19 -9.15 -5.56
CA HIS A 133 6.36 -8.53 -4.52
C HIS A 133 7.08 -7.33 -3.91
N TYR A 134 8.32 -7.56 -3.48
CA TYR A 134 9.10 -6.54 -2.79
C TYR A 134 9.36 -5.35 -3.69
N ILE A 135 9.86 -5.61 -4.89
CA ILE A 135 10.23 -4.55 -5.82
C ILE A 135 9.01 -3.69 -6.18
N SER A 136 7.85 -4.31 -6.27
CA SER A 136 6.64 -3.60 -6.69
C SER A 136 6.21 -2.54 -5.67
N PHE A 137 6.70 -2.61 -4.44
CA PHE A 137 6.33 -1.65 -3.39
C PHE A 137 7.46 -0.72 -2.95
N THR A 138 8.67 -0.98 -3.41
CA THR A 138 9.86 -0.23 -2.96
C THR A 138 10.65 0.38 -4.12
N SER A 139 10.11 0.29 -5.32
CA SER A 139 10.76 0.84 -6.50
C SER A 139 9.83 1.89 -7.10
N PRO A 140 10.23 2.55 -8.20
CA PRO A 140 9.28 3.51 -8.80
C PRO A 140 8.00 2.86 -9.32
N PHE A 141 7.93 1.53 -9.33
CA PHE A 141 6.69 0.85 -9.68
C PHE A 141 5.62 1.22 -8.68
N PHE A 142 6.04 1.55 -7.46
CA PHE A 142 5.16 2.09 -6.45
C PHE A 142 5.07 3.61 -6.63
N VAL A 143 3.96 4.07 -7.19
CA VAL A 143 3.77 5.50 -7.43
C VAL A 143 3.16 6.13 -6.19
N LYS A 144 4.01 6.73 -5.36
CA LYS A 144 3.57 7.39 -4.15
C LYS A 144 2.52 8.43 -4.52
N ILE A 145 1.51 8.57 -3.67
CA ILE A 145 0.35 9.39 -3.98
C ILE A 145 0.69 10.87 -4.16
N ASP A 146 1.81 11.32 -3.59
CA ASP A 146 2.18 12.73 -3.69
C ASP A 146 3.19 12.97 -4.80
N THR A 147 3.36 12.01 -5.70
CA THR A 147 4.29 12.16 -6.81
C THR A 147 3.84 13.28 -7.75
N PRO A 148 4.70 14.27 -7.99
CA PRO A 148 4.43 15.29 -9.02
C PRO A 148 4.19 14.63 -10.36
N THR A 149 3.29 15.19 -11.16
CA THR A 149 2.98 14.64 -12.47
C THR A 149 4.24 14.56 -13.32
N SER A 150 5.13 15.54 -13.18
CA SER A 150 6.37 15.60 -13.95
C SER A 150 7.33 14.45 -13.61
N ASN A 151 7.03 13.70 -12.55
CA ASN A 151 7.92 12.63 -12.10
C ASN A 151 7.32 11.23 -12.25
N LEU A 152 6.12 11.15 -12.80
CA LEU A 152 5.46 9.86 -13.00
C LEU A 152 6.28 8.97 -13.92
N PRO A 153 6.33 7.68 -13.62
CA PRO A 153 7.07 6.71 -14.44
C PRO A 153 6.31 6.33 -15.71
N THR A 154 7.02 5.71 -16.65
CA THR A 154 6.43 4.85 -17.69
C THR A 154 7.55 4.29 -18.58
N ARG A 155 7.42 3.01 -18.92
CA ARG A 155 8.27 2.30 -19.89
C ARG A 155 7.92 0.83 -19.89
N THR A 159 7.98 -3.20 -15.63
CA THR A 159 8.93 -2.69 -16.61
C THR A 159 10.12 -3.64 -16.75
N SER A 160 11.19 -3.36 -16.01
CA SER A 160 12.42 -4.15 -16.03
C SER A 160 13.09 -4.06 -14.67
N LEU A 161 12.45 -3.32 -13.76
CA LEU A 161 12.91 -3.20 -12.38
C LEU A 161 12.95 -4.54 -11.69
N PHE A 162 12.14 -5.48 -12.17
CA PHE A 162 11.91 -6.74 -11.49
C PHE A 162 13.03 -7.75 -11.70
N GLN A 163 14.01 -7.37 -12.52
CA GLN A 163 15.18 -8.20 -12.73
C GLN A 163 16.38 -7.63 -11.98
N GLU A 164 16.18 -6.48 -11.33
CA GLU A 164 17.28 -5.81 -10.63
C GLU A 164 17.53 -6.37 -9.23
N ASP A 165 18.63 -5.91 -8.61
CA ASP A 165 19.06 -6.38 -7.30
C ASP A 165 18.16 -5.85 -6.19
N LEU A 166 18.04 -6.64 -5.14
CA LEU A 166 17.23 -6.29 -3.98
C LEU A 166 18.00 -5.38 -3.04
N LYS A 167 17.38 -4.30 -2.62
CA LYS A 167 18.00 -3.37 -1.69
C LYS A 167 17.08 -3.11 -0.51
N CYS A 168 17.65 -2.98 0.68
CA CYS A 168 16.86 -2.64 1.84
C CYS A 168 16.36 -1.21 1.68
N TRP A 169 15.07 -1.03 1.91
CA TRP A 169 14.40 0.27 1.79
C TRP A 169 14.83 1.19 2.90
N ARG A 170 15.38 0.62 3.97
CA ARG A 170 15.68 1.42 5.16
C ARG A 170 17.17 1.85 5.29
N CYS A 171 18.09 1.05 4.77
CA CYS A 171 19.51 1.36 4.92
C CYS A 171 20.26 1.21 3.59
N GLY A 172 19.61 0.65 2.58
CA GLY A 172 20.21 0.53 1.28
C GLY A 172 21.16 -0.64 1.07
N GLU A 173 21.25 -1.55 2.04
CA GLU A 173 22.09 -2.74 1.84
C GLU A 173 21.55 -3.57 0.67
N THR A 174 22.44 -4.00 -0.20
CA THR A 174 22.09 -4.83 -1.35
C THR A 174 22.17 -6.32 -1.01
N PHE A 175 21.29 -7.10 -1.63
CA PHE A 175 21.24 -8.53 -1.37
C PHE A 175 21.28 -9.33 -2.66
N GLY A 176 21.57 -8.63 -3.76
CA GLY A 176 21.55 -9.25 -5.07
C GLY A 176 20.17 -9.82 -5.31
N ARG A 177 20.11 -11.05 -5.79
CA ARG A 177 18.83 -11.72 -5.96
C ARG A 177 18.57 -12.71 -4.83
N HIS A 178 19.18 -12.49 -3.67
CA HIS A 178 19.01 -13.40 -2.55
C HIS A 178 17.84 -12.97 -1.66
N PHE A 179 16.64 -13.34 -2.08
CA PHE A 179 15.39 -12.91 -1.44
C PHE A 179 15.27 -13.40 0.01
N THR A 180 15.71 -14.63 0.33
CA THR A 180 15.54 -15.06 1.70
C THR A 180 16.53 -14.37 2.64
N LYS A 181 17.69 -13.94 2.14
CA LYS A 181 18.57 -13.05 2.91
C LYS A 181 17.88 -11.71 3.17
N LEU A 182 17.27 -11.11 2.14
CA LEU A 182 16.51 -9.88 2.33
C LEU A 182 15.43 -10.05 3.40
N LYS A 183 14.65 -11.13 3.32
CA LYS A 183 13.61 -11.42 4.31
C LYS A 183 14.12 -11.38 5.75
N ALA A 184 15.25 -12.07 6.00
CA ALA A 184 15.85 -12.09 7.31
C ALA A 184 16.19 -10.66 7.74
N HIS A 185 16.74 -9.88 6.82
CA HIS A 185 17.15 -8.50 7.14
C HIS A 185 15.95 -7.59 7.42
N LEU A 186 14.86 -7.78 6.68
CA LEU A 186 13.66 -6.96 6.91
C LEU A 186 13.09 -7.19 8.33
N GLN A 187 13.17 -8.44 8.79
CA GLN A 187 12.75 -8.77 10.15
C GLN A 187 13.64 -8.05 11.18
N GLU A 188 14.95 -8.08 10.96
CA GLU A 188 15.89 -7.33 11.80
C GLU A 188 15.66 -5.82 11.78
N GLU A 189 15.51 -5.23 10.59
CA GLU A 189 15.18 -3.81 10.50
C GLU A 189 13.91 -3.49 11.29
N TYR A 190 12.93 -4.38 11.23
CA TYR A 190 11.66 -4.14 11.90
C TYR A 190 11.78 -4.23 13.42
N ASP A 191 12.45 -5.29 13.90
CA ASP A 191 12.73 -5.40 15.34
C ASP A 191 13.46 -4.15 15.84
N ASP A 192 14.43 -3.68 15.07
CA ASP A 192 15.20 -2.48 15.42
C ASP A 192 14.31 -1.25 15.50
N TRP A 193 13.51 -1.03 14.46
CA TRP A 193 12.56 0.09 14.45
C TRP A 193 11.57 0.02 15.61
N LEU A 194 11.01 -1.16 15.85
CA LEU A 194 10.03 -1.35 16.92
C LEU A 194 10.62 -1.05 18.30
N ASP A 195 11.81 -1.59 18.56
CA ASP A 195 12.47 -1.39 19.86
C ASP A 195 12.72 0.09 20.11
N LYS A 196 13.17 0.79 19.08
CA LYS A 196 13.42 2.23 19.14
C LYS A 196 12.12 3.05 19.30
N SER A 197 11.00 2.55 18.78
CA SER A 197 9.77 3.33 18.72
C SER A 197 8.82 3.18 19.92
N VAL A 198 8.91 2.05 20.62
CA VAL A 198 8.07 1.87 21.79
C VAL A 198 8.69 2.55 23.01
ZN ZN C . 18.49 -2.42 6.02
O5' GMP D . -2.53 -5.31 -6.75
C5' GMP D . -3.51 -6.16 -6.18
C4' GMP D . -3.38 -6.27 -4.68
O4' GMP D . -4.62 -6.78 -4.13
C3' GMP D . -2.27 -7.20 -4.20
O3' GMP D . -1.69 -6.69 -3.00
C2' GMP D . -3.03 -8.49 -3.89
O2' GMP D . -2.41 -9.31 -2.92
C1' GMP D . -4.36 -7.96 -3.38
N9 GMP D . -5.49 -8.87 -3.58
C8 GMP D . -5.59 -9.77 -4.56
N7 GMP D . -6.77 -10.43 -4.43
C5 GMP D . -7.40 -9.91 -3.36
C6 GMP D . -8.63 -10.18 -2.75
O6 GMP D . -9.39 -11.05 -3.20
N1 GMP D . -8.99 -9.47 -1.66
C2 GMP D . -8.19 -8.52 -1.16
N2 GMP D . -8.58 -7.82 -0.07
N3 GMP D . -6.98 -8.24 -1.72
C4 GMP D . -6.59 -8.92 -2.82
C1 GOL E . -0.43 10.91 7.62
O1 GOL E . 0.94 10.65 7.78
C2 GOL E . -1.17 9.60 7.35
O2 GOL E . -0.34 8.52 7.70
C3 GOL E . -2.45 9.57 8.18
O3 GOL E . -3.10 8.34 7.99
C1 GOL F . 3.08 -7.89 -7.91
O1 GOL F . 4.08 -8.86 -8.05
C2 GOL F . 3.06 -6.97 -9.12
O2 GOL F . 3.82 -7.54 -10.17
C3 GOL F . 1.63 -6.77 -9.61
O3 GOL F . 1.65 -6.32 -10.94
C1 GOL G . 19.92 -5.00 10.61
O1 GOL G . 21.30 -4.96 10.38
C2 GOL G . 19.50 -3.73 11.33
O2 GOL G . 20.44 -2.71 11.05
C3 GOL G . 19.52 -3.98 12.83
O3 GOL G . 19.38 -2.74 13.47
C1 GOL H . -13.28 13.69 1.63
O1 GOL H . -12.81 14.91 1.09
C2 GOL H . -14.24 14.02 2.77
O2 GOL H . -15.56 13.92 2.28
C3 GOL H . -14.03 13.04 3.92
O3 GOL H . -12.68 13.07 4.34
CL CL I . -6.18 16.43 0.01
CL CL J . 1.15 -19.01 3.20
#